data_7WN7
#
_entry.id   7WN7
#
_cell.length_a   194.749
_cell.length_b   69.236
_cell.length_c   52.746
_cell.angle_alpha   90.000
_cell.angle_beta   102.180
_cell.angle_gamma   90.000
#
_symmetry.space_group_name_H-M   'C 1 2 1'
#
loop_
_entity.id
_entity.type
_entity.pdbx_description
1 polymer p26
2 non-polymer 'SULFATE ION'
3 non-polymer 'CHLORIDE ION'
4 water water
#
_entity_poly.entity_id   1
_entity_poly.type   'polypeptide(L)'
_entity_poly.pdbx_seq_one_letter_code
;GSGMKETAAAKFERQHMDSPDLGTDDDDKAMADIGSAKSLQRYNVEYTIDNDLNRILIHKVDNRTVSINVIGHQSNDSDT
LDRLHHFPGVATSVMFPRIDMTSALFVLLKNGAMARVVPEFVYTNYHVHKHRLVYSQLATFALEDRTVADMVLIGAPIFR
NKKLVSVVTHRHDDRDRDAVMFPVTGIRPRNLVSGQIQFDSNNGVTPERLLTGRSVYGRRQMSYLPNERSVGIKEFALTS
VANRATFRNLTRNVHIFYNDDEIVITLSEGEFEISRIRFDGPLLYKKLAAALEHHHHHH
;
_entity_poly.pdbx_strand_id   A,B
#
loop_
_chem_comp.id
_chem_comp.type
_chem_comp.name
_chem_comp.formula
CL non-polymer 'CHLORIDE ION' 'Cl -1'
SO4 non-polymer 'SULFATE ION' 'O4 S -2'
#
# COMPACT_ATOMS: atom_id res chain seq x y z
N LYS A 38 21.00 -37.57 10.69
CA LYS A 38 21.43 -36.71 11.79
C LYS A 38 21.35 -35.23 11.43
N SER A 39 20.95 -34.43 12.40
CA SER A 39 20.72 -33.02 12.18
C SER A 39 22.04 -32.24 12.21
N LEU A 40 22.14 -31.24 11.35
CA LEU A 40 23.20 -30.26 11.43
C LEU A 40 22.71 -29.08 12.27
N GLN A 41 23.66 -28.31 12.79
CA GLN A 41 23.34 -27.23 13.71
C GLN A 41 24.18 -26.00 13.37
N ARG A 42 23.54 -24.85 13.26
CA ARG A 42 24.22 -23.58 13.03
C ARG A 42 23.49 -22.49 13.79
N TYR A 43 24.20 -21.79 14.68
CA TYR A 43 23.62 -20.77 15.54
C TYR A 43 22.41 -21.38 16.24
N ASN A 44 21.24 -20.75 16.24
CA ASN A 44 20.10 -21.30 16.96
C ASN A 44 19.22 -22.20 16.11
N VAL A 45 19.75 -22.79 15.04
CA VAL A 45 18.97 -23.56 14.09
C VAL A 45 19.51 -24.97 13.99
N GLU A 46 18.61 -25.94 13.94
CA GLU A 46 18.93 -27.33 13.62
C GLU A 46 18.23 -27.71 12.32
N TYR A 47 18.99 -28.24 11.36
CA TYR A 47 18.46 -28.45 10.02
C TYR A 47 19.08 -29.67 9.37
N THR A 48 18.48 -30.09 8.26
CA THR A 48 19.04 -31.09 7.36
C THR A 48 18.98 -30.57 5.94
N ILE A 49 19.85 -31.11 5.09
CA ILE A 49 19.87 -30.82 3.67
C ILE A 49 19.24 -32.00 2.95
N ASP A 50 18.23 -31.73 2.12
CA ASP A 50 17.61 -32.77 1.30
C ASP A 50 18.18 -32.66 -0.10
N ASN A 51 19.01 -33.64 -0.47
CA ASN A 51 19.65 -33.63 -1.78
C ASN A 51 18.67 -34.02 -2.88
N ASP A 52 17.82 -35.02 -2.62
CA ASP A 52 16.84 -35.46 -3.61
C ASP A 52 15.98 -34.30 -4.10
N LEU A 53 15.77 -33.29 -3.26
CA LEU A 53 14.87 -32.18 -3.58
C LEU A 53 15.60 -30.84 -3.59
N ASN A 54 16.89 -30.83 -3.25
CA ASN A 54 17.71 -29.62 -3.19
C ASN A 54 17.02 -28.52 -2.37
N ARG A 55 16.80 -28.84 -1.10
CA ARG A 55 16.19 -27.90 -0.17
C ARG A 55 16.71 -28.18 1.23
N ILE A 56 16.60 -27.18 2.10
CA ILE A 56 17.00 -27.29 3.50
C ILE A 56 15.74 -27.34 4.34
N LEU A 57 15.68 -28.31 5.25
CA LEU A 57 14.58 -28.46 6.18
C LEU A 57 15.05 -28.04 7.56
N ILE A 58 14.33 -27.12 8.19
CA ILE A 58 14.67 -26.64 9.52
C ILE A 58 13.79 -27.38 10.51
N HIS A 59 14.40 -28.10 11.45
CA HIS A 59 13.65 -28.91 12.41
C HIS A 59 13.46 -28.22 13.75
N LYS A 60 14.46 -27.48 14.22
CA LYS A 60 14.38 -26.81 15.50
C LYS A 60 14.92 -25.40 15.37
N VAL A 61 14.27 -24.48 16.08
CA VAL A 61 14.77 -23.13 16.32
C VAL A 61 14.63 -22.84 17.80
N ASP A 62 15.68 -22.27 18.40
CA ASP A 62 15.67 -21.92 19.82
C ASP A 62 15.23 -23.12 20.67
N ASN A 63 15.80 -24.29 20.36
CA ASN A 63 15.67 -25.49 21.18
C ASN A 63 14.27 -26.06 21.21
N ARG A 64 13.42 -25.73 20.23
CA ARG A 64 12.11 -26.36 20.10
C ARG A 64 11.80 -26.70 18.66
N THR A 65 10.95 -27.72 18.49
CA THR A 65 10.54 -28.17 17.17
C THR A 65 9.69 -27.10 16.48
N VAL A 66 9.98 -26.80 15.21
CA VAL A 66 9.27 -25.78 14.46
C VAL A 66 8.70 -26.36 13.17
N SER A 67 7.82 -25.57 12.54
CA SER A 67 7.30 -25.87 11.21
C SER A 67 7.49 -24.63 10.36
N ILE A 68 8.42 -24.69 9.41
CA ILE A 68 8.74 -23.59 8.49
C ILE A 68 8.54 -24.17 7.09
N ASN A 69 7.51 -23.70 6.39
CA ASN A 69 7.06 -24.29 5.14
C ASN A 69 7.15 -23.25 4.04
N VAL A 70 8.09 -23.42 3.12
CA VAL A 70 8.16 -22.57 1.94
C VAL A 70 7.00 -22.92 1.01
N ILE A 71 6.17 -21.92 0.71
CA ILE A 71 4.99 -22.03 -0.14
C ILE A 71 5.32 -21.48 -1.52
N GLY A 72 4.75 -22.08 -2.56
CA GLY A 72 4.83 -21.50 -3.89
C GLY A 72 4.03 -20.21 -3.95
N HIS A 73 3.55 -19.86 -5.13
CA HIS A 73 2.58 -18.78 -5.15
C HIS A 73 1.19 -19.25 -4.73
N GLN A 74 0.99 -20.56 -4.61
CA GLN A 74 -0.28 -21.14 -4.18
C GLN A 74 0.02 -22.32 -3.25
N SER A 75 -0.51 -22.27 -2.03
CA SER A 75 -0.36 -23.33 -1.05
C SER A 75 -1.22 -24.54 -1.43
N ASN A 76 -0.97 -25.66 -0.75
CA ASN A 76 -1.82 -26.85 -0.91
C ASN A 76 -3.09 -26.75 -0.08
N ASP A 77 -3.26 -25.62 0.62
CA ASP A 77 -4.48 -25.29 1.35
C ASP A 77 -4.68 -26.16 2.58
N SER A 78 -3.60 -26.75 3.12
CA SER A 78 -3.73 -27.59 4.30
C SER A 78 -4.15 -26.76 5.51
N ASP A 79 -5.02 -27.35 6.32
CA ASP A 79 -5.49 -26.68 7.53
C ASP A 79 -4.37 -26.47 8.53
N THR A 80 -3.28 -27.23 8.41
CA THR A 80 -2.23 -27.15 9.41
C THR A 80 -1.47 -25.84 9.27
N LEU A 81 -1.56 -25.21 8.10
CA LEU A 81 -0.93 -23.91 7.87
C LEU A 81 -1.74 -22.76 8.45
N ASP A 82 -2.99 -23.02 8.87
CA ASP A 82 -3.89 -21.95 9.28
C ASP A 82 -3.39 -21.25 10.53
N ARG A 83 -2.81 -21.98 11.48
CA ARG A 83 -2.39 -21.40 12.73
C ARG A 83 -0.93 -20.94 12.71
N LEU A 84 -0.32 -20.87 11.54
CA LEU A 84 1.05 -20.43 11.42
C LEU A 84 1.08 -18.97 10.96
N HIS A 85 2.26 -18.35 11.11
CA HIS A 85 2.46 -17.01 10.59
C HIS A 85 2.62 -17.09 9.08
N HIS A 86 1.87 -16.26 8.35
CA HIS A 86 2.05 -16.19 6.91
C HIS A 86 2.75 -14.89 6.55
N PHE A 87 3.86 -15.02 5.84
CA PHE A 87 4.49 -13.92 5.13
C PHE A 87 4.67 -14.43 3.71
N PRO A 88 4.82 -13.56 2.70
CA PRO A 88 4.81 -14.07 1.32
C PRO A 88 5.80 -15.21 1.11
N GLY A 89 5.31 -16.35 0.64
CA GLY A 89 6.15 -17.49 0.33
C GLY A 89 6.41 -18.42 1.49
N VAL A 90 5.88 -18.17 2.69
CA VAL A 90 6.17 -19.02 3.83
C VAL A 90 4.97 -19.07 4.77
N ALA A 91 4.83 -20.21 5.44
CA ALA A 91 4.00 -20.34 6.64
C ALA A 91 4.91 -20.89 7.72
N THR A 92 5.05 -20.16 8.82
CA THR A 92 6.09 -20.46 9.78
C THR A 92 5.59 -20.36 11.21
N SER A 93 5.95 -21.35 12.04
CA SER A 93 5.59 -21.30 13.44
C SER A 93 6.44 -20.32 14.23
N VAL A 94 7.52 -19.81 13.65
CA VAL A 94 8.40 -18.84 14.31
C VAL A 94 8.26 -17.48 13.64
N MET A 95 8.22 -16.42 14.46
CA MET A 95 8.15 -15.05 13.97
C MET A 95 9.37 -14.70 13.12
N PHE A 96 9.13 -14.10 11.95
CA PHE A 96 10.22 -13.53 11.16
C PHE A 96 10.23 -12.01 11.38
N PRO A 97 11.18 -11.46 12.12
CA PRO A 97 11.12 -10.04 12.50
C PRO A 97 11.39 -9.11 11.34
N ARG A 98 11.05 -7.84 11.55
CA ARG A 98 11.28 -6.79 10.58
C ARG A 98 12.77 -6.59 10.37
N ILE A 99 13.21 -6.57 9.11
CA ILE A 99 14.58 -6.26 8.80
C ILE A 99 14.61 -4.88 8.13
N ASP A 100 15.76 -4.24 8.17
CA ASP A 100 15.95 -3.01 7.42
C ASP A 100 16.81 -3.30 6.20
N MET A 101 16.97 -2.30 5.35
CA MET A 101 17.61 -2.56 4.07
C MET A 101 19.04 -2.06 4.02
N THR A 102 19.65 -1.80 5.18
CA THR A 102 21.04 -1.41 5.26
C THR A 102 21.92 -2.34 6.08
N SER A 103 21.34 -3.16 6.98
CA SER A 103 22.11 -4.04 7.85
C SER A 103 22.40 -5.37 7.17
N ALA A 104 23.57 -5.92 7.44
CA ALA A 104 24.03 -7.14 6.80
C ALA A 104 23.32 -8.37 7.35
N LEU A 105 23.08 -9.34 6.47
CA LEU A 105 22.53 -10.64 6.83
C LEU A 105 23.45 -11.72 6.30
N PHE A 106 23.31 -12.92 6.84
CA PHE A 106 24.14 -14.07 6.48
C PHE A 106 23.24 -15.23 6.11
N VAL A 107 23.37 -15.72 4.89
CA VAL A 107 22.55 -16.79 4.36
C VAL A 107 23.40 -18.05 4.31
N LEU A 108 22.86 -19.15 4.85
CA LEU A 108 23.60 -20.40 4.94
C LEU A 108 23.62 -21.12 3.59
N LEU A 109 24.82 -21.50 3.16
CA LEU A 109 25.02 -22.19 1.90
C LEU A 109 25.05 -23.71 2.09
N LYS A 110 24.88 -24.43 0.98
CA LYS A 110 24.79 -25.89 1.02
C LYS A 110 26.07 -26.52 1.54
N ASN A 111 27.21 -25.85 1.38
CA ASN A 111 28.48 -26.36 1.89
C ASN A 111 28.77 -25.94 3.32
N GLY A 112 27.76 -25.46 4.06
CA GLY A 112 27.95 -25.08 5.44
C GLY A 112 28.55 -23.72 5.66
N ALA A 113 29.08 -23.08 4.62
CA ALA A 113 29.56 -21.71 4.74
C ALA A 113 28.39 -20.75 4.61
N MET A 114 28.65 -19.45 4.80
CA MET A 114 27.64 -18.41 4.75
C MET A 114 28.03 -17.30 3.79
N ALA A 115 27.04 -16.72 3.12
CA ALA A 115 27.23 -15.56 2.27
C ALA A 115 26.71 -14.33 2.98
N ARG A 116 27.52 -13.27 3.00
CA ARG A 116 27.11 -12.00 3.58
C ARG A 116 26.37 -11.20 2.52
N VAL A 117 25.12 -10.84 2.80
CA VAL A 117 24.29 -10.14 1.81
C VAL A 117 23.69 -8.92 2.48
N VAL A 118 23.40 -7.89 1.69
CA VAL A 118 22.72 -6.72 2.20
C VAL A 118 21.38 -6.57 1.44
N PRO A 119 20.24 -6.67 2.12
CA PRO A 119 18.95 -6.70 1.41
C PRO A 119 18.50 -5.30 1.03
N GLU A 120 19.24 -4.65 0.14
CA GLU A 120 19.00 -3.24 -0.15
C GLU A 120 17.93 -3.00 -1.21
N PHE A 121 17.43 -4.04 -1.88
CA PHE A 121 16.46 -3.88 -2.94
C PHE A 121 15.04 -4.19 -2.46
N VAL A 122 14.06 -3.75 -3.24
CA VAL A 122 12.65 -3.91 -2.93
C VAL A 122 12.01 -4.72 -4.05
N TYR A 123 11.48 -5.89 -3.69
CA TYR A 123 10.63 -6.67 -4.58
C TYR A 123 9.35 -7.02 -3.84
N THR A 124 8.30 -7.26 -4.60
CA THR A 124 7.03 -7.69 -4.05
C THR A 124 6.83 -9.19 -4.33
N ASN A 125 6.38 -9.91 -3.29
CA ASN A 125 6.03 -11.30 -3.48
C ASN A 125 4.67 -11.53 -2.82
N TYR A 126 4.10 -12.70 -3.09
CA TYR A 126 2.77 -13.01 -2.60
C TYR A 126 2.61 -14.53 -2.58
N HIS A 127 1.65 -14.99 -1.79
CA HIS A 127 1.09 -16.32 -2.02
C HIS A 127 -0.37 -16.28 -1.65
N VAL A 128 -1.08 -17.34 -2.06
CA VAL A 128 -2.48 -17.53 -1.72
C VAL A 128 -2.58 -18.78 -0.87
N HIS A 129 -3.28 -18.67 0.27
CA HIS A 129 -3.63 -19.82 1.09
C HIS A 129 -5.12 -19.71 1.42
N LYS A 130 -5.89 -20.69 0.97
CA LYS A 130 -7.33 -20.79 1.28
C LYS A 130 -8.06 -19.49 0.95
N HIS A 131 -7.94 -19.09 -0.30
CA HIS A 131 -8.68 -17.92 -0.80
C HIS A 131 -8.29 -16.64 -0.07
N ARG A 132 -7.06 -16.56 0.45
CA ARG A 132 -6.56 -15.31 1.02
C ARG A 132 -5.22 -15.00 0.38
N LEU A 133 -5.14 -13.85 -0.29
CA LEU A 133 -3.88 -13.37 -0.82
C LEU A 133 -3.07 -12.69 0.29
N VAL A 134 -1.80 -13.07 0.41
CA VAL A 134 -0.86 -12.43 1.32
C VAL A 134 0.23 -11.84 0.45
N TYR A 135 0.39 -10.51 0.46
CA TYR A 135 1.42 -9.88 -0.35
C TYR A 135 2.19 -8.85 0.46
N SER A 136 3.38 -8.53 -0.04
CA SER A 136 4.17 -7.55 0.66
C SER A 136 5.35 -7.19 -0.22
N GLN A 137 5.69 -5.90 -0.22
CA GLN A 137 7.04 -5.52 -0.60
C GLN A 137 7.99 -6.07 0.45
N LEU A 138 9.14 -6.56 0.00
CA LEU A 138 10.09 -7.20 0.88
C LEU A 138 11.50 -6.71 0.57
N ALA A 139 12.29 -6.50 1.61
CA ALA A 139 13.72 -6.32 1.43
C ALA A 139 14.30 -7.55 0.74
N THR A 140 15.18 -7.31 -0.22
CA THR A 140 15.63 -8.31 -1.18
C THR A 140 17.11 -8.16 -1.39
N PHE A 141 17.87 -9.25 -1.36
CA PHE A 141 19.29 -9.15 -1.66
C PHE A 141 19.57 -9.75 -3.04
N ALA A 142 20.73 -9.41 -3.57
CA ALA A 142 21.14 -9.81 -4.91
C ALA A 142 22.44 -10.59 -4.84
N LEU A 143 22.55 -11.67 -5.60
CA LEU A 143 23.81 -12.36 -5.79
C LEU A 143 24.18 -12.29 -7.27
N GLU A 144 25.29 -11.62 -7.57
CA GLU A 144 25.77 -11.55 -8.94
C GLU A 144 26.54 -12.81 -9.35
N ASP A 145 27.11 -13.54 -8.39
CA ASP A 145 27.87 -14.76 -8.68
C ASP A 145 26.88 -15.93 -8.68
N ARG A 146 26.63 -16.49 -9.86
CA ARG A 146 25.64 -17.55 -9.95
C ARG A 146 26.10 -18.86 -9.34
N THR A 147 27.39 -19.07 -9.19
CA THR A 147 27.85 -20.27 -8.51
C THR A 147 27.53 -20.21 -7.03
N VAL A 148 27.60 -19.02 -6.42
CA VAL A 148 27.19 -18.88 -5.03
C VAL A 148 25.66 -18.95 -4.92
N ALA A 149 24.95 -18.33 -5.86
CA ALA A 149 23.49 -18.40 -5.83
C ALA A 149 23.01 -19.84 -5.90
N ASP A 150 23.69 -20.67 -6.70
CA ASP A 150 23.30 -22.07 -6.83
C ASP A 150 23.57 -22.88 -5.56
N MET A 151 24.34 -22.32 -4.63
CA MET A 151 24.57 -22.92 -3.32
C MET A 151 23.55 -22.49 -2.29
N VAL A 152 22.71 -21.50 -2.63
CA VAL A 152 21.62 -21.07 -1.77
C VAL A 152 20.42 -21.95 -2.08
N LEU A 153 19.95 -22.71 -1.10
CA LEU A 153 18.87 -23.64 -1.31
C LEU A 153 17.55 -23.08 -0.78
N ILE A 154 16.46 -23.52 -1.40
CA ILE A 154 15.12 -23.21 -0.89
C ILE A 154 15.05 -23.64 0.58
N GLY A 155 14.61 -22.71 1.43
CA GLY A 155 14.50 -23.00 2.84
C GLY A 155 15.74 -22.67 3.65
N ALA A 156 16.82 -22.25 3.01
CA ALA A 156 18.06 -21.97 3.72
C ALA A 156 17.85 -20.91 4.79
N PRO A 157 18.41 -21.10 5.99
CA PRO A 157 18.25 -20.10 7.04
C PRO A 157 18.99 -18.81 6.73
N ILE A 158 18.38 -17.69 7.12
CA ILE A 158 18.95 -16.36 6.95
C ILE A 158 19.15 -15.77 8.34
N PHE A 159 20.38 -15.37 8.65
CA PHE A 159 20.76 -15.00 10.01
C PHE A 159 21.03 -13.51 10.12
N ARG A 160 20.66 -12.93 11.27
CA ARG A 160 21.04 -11.58 11.65
C ARG A 160 21.58 -11.63 13.06
N ASN A 161 22.81 -11.15 13.25
CA ASN A 161 23.46 -11.22 14.57
C ASN A 161 23.37 -12.63 15.15
N LYS A 162 23.63 -13.62 14.31
CA LYS A 162 23.72 -15.03 14.69
C LYS A 162 22.41 -15.59 15.20
N LYS A 163 21.27 -15.03 14.79
CA LYS A 163 19.96 -15.59 15.11
C LYS A 163 19.10 -15.62 13.86
N LEU A 164 18.34 -16.70 13.70
CA LEU A 164 17.47 -16.87 12.56
C LEU A 164 16.51 -15.69 12.45
N VAL A 165 16.39 -15.14 11.26
CA VAL A 165 15.49 -14.03 11.03
C VAL A 165 14.50 -14.33 9.90
N SER A 166 14.87 -15.22 9.00
CA SER A 166 14.01 -15.57 7.87
C SER A 166 14.61 -16.81 7.20
N VAL A 167 13.97 -17.26 6.12
CA VAL A 167 14.54 -18.33 5.31
C VAL A 167 14.41 -17.98 3.83
N VAL A 168 15.29 -18.60 3.01
CA VAL A 168 15.19 -18.44 1.57
C VAL A 168 13.89 -19.05 1.06
N THR A 169 13.12 -18.24 0.32
CA THR A 169 11.88 -18.74 -0.26
C THR A 169 11.97 -18.80 -1.79
N HIS A 170 11.79 -17.68 -2.46
CA HIS A 170 11.83 -17.63 -3.91
C HIS A 170 13.09 -16.91 -4.38
N ARG A 171 13.39 -17.06 -5.67
CA ARG A 171 14.48 -16.32 -6.30
C ARG A 171 14.06 -15.98 -7.72
N HIS A 172 14.70 -14.93 -8.26
CA HIS A 172 14.32 -14.37 -9.55
C HIS A 172 15.57 -13.92 -10.28
N ASP A 173 15.81 -14.52 -11.44
CA ASP A 173 16.86 -14.03 -12.34
C ASP A 173 16.48 -12.68 -12.93
N ASP A 174 16.92 -11.61 -12.29
CA ASP A 174 16.73 -10.26 -12.82
C ASP A 174 17.76 -10.09 -13.94
N ARG A 175 17.39 -10.55 -15.14
CA ARG A 175 18.33 -10.50 -16.26
C ARG A 175 18.63 -9.07 -16.70
N ASP A 176 17.90 -8.08 -16.19
CA ASP A 176 18.25 -6.68 -16.39
C ASP A 176 19.50 -6.30 -15.60
N ARG A 177 19.45 -6.48 -14.29
CA ARG A 177 20.59 -6.22 -13.44
C ARG A 177 21.59 -7.38 -13.40
N ASP A 178 21.30 -8.46 -14.12
CA ASP A 178 22.17 -9.65 -14.21
C ASP A 178 22.61 -10.13 -12.83
N ALA A 179 21.62 -10.44 -12.00
CA ALA A 179 21.84 -10.97 -10.67
C ALA A 179 20.62 -11.78 -10.27
N VAL A 180 20.82 -12.71 -9.33
CA VAL A 180 19.72 -13.48 -8.76
C VAL A 180 19.22 -12.77 -7.52
N MET A 181 17.92 -12.45 -7.49
CA MET A 181 17.33 -11.68 -6.42
C MET A 181 16.63 -12.62 -5.44
N PHE A 182 16.81 -12.36 -4.14
CA PHE A 182 16.24 -13.20 -3.08
C PHE A 182 15.44 -12.33 -2.12
N PRO A 183 14.11 -12.37 -2.13
CA PRO A 183 13.35 -11.66 -1.08
C PRO A 183 13.64 -12.27 0.28
N VAL A 184 13.60 -11.43 1.32
CA VAL A 184 13.76 -11.89 2.70
C VAL A 184 12.40 -11.72 3.39
N THR A 185 11.61 -12.77 3.38
CA THR A 185 10.23 -12.62 3.81
C THR A 185 10.17 -12.47 5.32
N GLY A 186 9.16 -11.75 5.77
CA GLY A 186 8.95 -11.46 7.18
C GLY A 186 8.08 -10.23 7.31
N ILE A 187 8.07 -9.67 8.51
CA ILE A 187 7.24 -8.51 8.81
C ILE A 187 7.63 -7.35 7.89
N ARG A 188 6.63 -6.61 7.40
CA ARG A 188 6.84 -5.49 6.48
C ARG A 188 7.96 -4.54 6.95
N PRO A 189 9.02 -4.36 6.15
CA PRO A 189 10.04 -3.35 6.50
C PRO A 189 9.44 -1.95 6.55
N ARG A 190 10.09 -1.08 7.30
CA ARG A 190 9.70 0.31 7.30
C ARG A 190 9.82 0.86 5.88
N ASN A 191 8.91 1.75 5.50
CA ASN A 191 8.81 2.39 4.19
C ASN A 191 8.17 1.47 3.13
N LEU A 192 7.86 0.21 3.44
CA LEU A 192 7.26 -0.69 2.46
C LEU A 192 5.80 -0.97 2.84
N VAL A 193 5.07 -1.65 1.95
CA VAL A 193 3.64 -1.90 2.13
C VAL A 193 3.40 -3.40 2.19
N SER A 194 2.46 -3.80 3.06
CA SER A 194 1.96 -5.16 3.05
C SER A 194 0.45 -5.13 3.09
N GLY A 195 -0.16 -6.26 2.72
CA GLY A 195 -1.60 -6.34 2.81
C GLY A 195 -2.06 -7.76 2.62
N GLN A 196 -3.36 -7.94 2.79
CA GLN A 196 -4.04 -9.23 2.65
C GLN A 196 -5.44 -8.95 2.13
N ILE A 197 -5.92 -9.82 1.23
CA ILE A 197 -7.26 -9.72 0.64
C ILE A 197 -7.89 -11.10 0.59
N GLN A 198 -9.09 -11.21 1.14
CA GLN A 198 -9.94 -12.40 1.02
C GLN A 198 -10.75 -12.35 -0.27
N PHE A 199 -10.79 -13.46 -1.01
CA PHE A 199 -11.55 -13.53 -2.26
C PHE A 199 -12.23 -14.90 -2.35
N ASP A 200 -13.01 -15.10 -3.41
CA ASP A 200 -13.89 -16.27 -3.55
C ASP A 200 -13.42 -17.28 -4.57
N SER A 201 -12.84 -16.79 -5.67
CA SER A 201 -12.60 -17.61 -6.84
C SER A 201 -11.65 -18.75 -6.53
N ASN A 202 -11.93 -19.92 -7.10
CA ASN A 202 -11.11 -21.10 -6.88
C ASN A 202 -9.91 -21.16 -7.80
N ASN A 203 -9.85 -20.31 -8.82
CA ASN A 203 -8.73 -20.27 -9.73
C ASN A 203 -7.54 -19.50 -9.18
N GLY A 204 -7.63 -19.02 -7.94
CA GLY A 204 -6.50 -18.36 -7.32
C GLY A 204 -6.20 -17.00 -7.94
N VAL A 205 -4.96 -16.57 -7.80
CA VAL A 205 -4.50 -15.30 -8.37
C VAL A 205 -3.34 -15.60 -9.31
N THR A 206 -3.44 -15.10 -10.54
CA THR A 206 -2.39 -15.23 -11.54
C THR A 206 -2.04 -13.82 -12.00
N PRO A 207 -0.85 -13.31 -11.69
CA PRO A 207 -0.51 -11.94 -12.10
C PRO A 207 -0.52 -11.82 -13.60
N GLU A 208 -0.79 -10.62 -14.07
CA GLU A 208 -0.81 -10.37 -15.50
C GLU A 208 -0.04 -9.10 -15.82
N ARG A 209 0.81 -9.19 -16.83
CA ARG A 209 1.58 -8.05 -17.29
C ARG A 209 0.63 -7.01 -17.90
N LEU A 210 0.69 -5.79 -17.38
CA LEU A 210 -0.11 -4.69 -17.89
C LEU A 210 0.49 -4.24 -19.22
N LEU A 211 -0.27 -4.40 -20.30
CA LEU A 211 0.25 -4.14 -21.63
C LEU A 211 0.31 -2.65 -21.93
N THR A 212 1.21 -2.28 -22.84
CA THR A 212 1.40 -0.88 -23.17
C THR A 212 0.11 -0.27 -23.69
N GLY A 213 -0.20 0.94 -23.21
CA GLY A 213 -1.38 1.64 -23.66
C GLY A 213 -2.66 1.21 -22.97
N ARG A 214 -2.60 0.33 -21.98
CA ARG A 214 -3.80 -0.08 -21.28
C ARG A 214 -3.81 0.49 -19.87
N SER A 215 -5.02 0.57 -19.30
CA SER A 215 -5.26 1.02 -17.94
C SER A 215 -6.16 -0.02 -17.26
N VAL A 216 -6.17 -0.08 -15.92
CA VAL A 216 -6.92 -1.14 -15.25
C VAL A 216 -8.20 -0.55 -14.65
N TYR A 217 -9.26 -1.36 -14.70
CA TYR A 217 -10.43 -1.14 -13.87
C TYR A 217 -10.85 -2.54 -13.45
N GLY A 218 -10.92 -2.77 -12.15
CA GLY A 218 -11.44 -4.04 -11.65
C GLY A 218 -10.65 -5.23 -12.15
N ARG A 219 -11.34 -6.11 -12.88
CA ARG A 219 -10.75 -7.34 -13.41
C ARG A 219 -10.02 -7.13 -14.73
N ARG A 220 -10.17 -5.98 -15.37
CA ARG A 220 -9.78 -5.80 -16.76
C ARG A 220 -8.70 -4.74 -16.91
N GLN A 221 -7.90 -4.93 -17.96
CA GLN A 221 -7.02 -3.90 -18.48
C GLN A 221 -7.43 -3.65 -19.93
N MET A 222 -7.63 -2.39 -20.28
CA MET A 222 -8.07 -2.04 -21.62
C MET A 222 -7.42 -0.74 -22.04
N SER A 223 -7.29 -0.58 -23.35
CA SER A 223 -6.96 0.73 -23.90
C SER A 223 -8.13 1.69 -23.65
N TYR A 224 -7.84 2.97 -23.84
CA TYR A 224 -8.84 4.01 -23.57
C TYR A 224 -10.04 3.90 -24.50
N LEU A 225 -9.80 3.60 -25.79
CA LEU A 225 -10.87 3.57 -26.77
C LEU A 225 -11.32 2.15 -27.07
N PRO A 226 -12.54 1.97 -27.57
CA PRO A 226 -13.04 0.62 -27.89
C PRO A 226 -12.10 -0.13 -28.82
N ASN A 227 -11.94 -1.43 -28.56
CA ASN A 227 -11.10 -2.33 -29.34
C ASN A 227 -9.68 -1.82 -29.46
N SER A 230 -12.95 -4.25 -27.69
CA SER A 230 -13.96 -4.22 -26.64
C SER A 230 -14.54 -2.82 -26.45
N VAL A 231 -14.73 -2.43 -25.20
CA VAL A 231 -15.45 -1.21 -24.87
C VAL A 231 -14.52 -0.04 -24.52
N GLY A 232 -13.29 -0.32 -24.10
CA GLY A 232 -12.42 0.77 -23.70
C GLY A 232 -12.61 1.12 -22.23
N ILE A 233 -11.50 1.41 -21.54
CA ILE A 233 -11.51 1.41 -20.07
C ILE A 233 -12.37 2.54 -19.52
N LYS A 234 -12.41 3.69 -20.21
CA LYS A 234 -13.18 4.81 -19.70
C LYS A 234 -14.65 4.46 -19.67
N GLU A 235 -15.17 3.92 -20.77
CA GLU A 235 -16.56 3.51 -20.83
C GLU A 235 -16.85 2.35 -19.89
N PHE A 236 -15.88 1.46 -19.73
CA PHE A 236 -16.09 0.28 -18.91
C PHE A 236 -16.19 0.66 -17.44
N ALA A 237 -15.30 1.52 -16.97
CA ALA A 237 -15.29 1.88 -15.56
C ALA A 237 -16.55 2.62 -15.17
N LEU A 238 -16.98 3.56 -16.02
CA LEU A 238 -18.20 4.32 -15.73
C LEU A 238 -19.41 3.41 -15.68
N THR A 239 -19.53 2.49 -16.63
CA THR A 239 -20.68 1.62 -16.71
C THR A 239 -20.72 0.68 -15.50
N SER A 240 -19.55 0.19 -15.10
CA SER A 240 -19.47 -0.72 -13.96
C SER A 240 -19.81 0.00 -12.66
N VAL A 241 -19.33 1.23 -12.49
CA VAL A 241 -19.67 1.98 -11.28
C VAL A 241 -21.15 2.30 -11.25
N ALA A 242 -21.71 2.73 -12.39
CA ALA A 242 -23.13 3.03 -12.46
C ALA A 242 -23.96 1.79 -12.12
N ASN A 243 -23.57 0.64 -12.66
CA ASN A 243 -24.28 -0.62 -12.44
C ASN A 243 -23.77 -1.39 -11.22
N ARG A 244 -23.24 -0.68 -10.22
CA ARG A 244 -22.64 -1.32 -9.05
C ARG A 244 -23.60 -2.33 -8.41
N ALA A 245 -24.85 -1.92 -8.18
CA ALA A 245 -25.78 -2.80 -7.47
C ALA A 245 -26.03 -4.09 -8.21
N THR A 246 -25.84 -4.12 -9.53
CA THR A 246 -26.04 -5.36 -10.27
C THR A 246 -24.93 -6.38 -10.05
N PHE A 247 -23.78 -5.96 -9.53
CA PHE A 247 -22.68 -6.87 -9.24
C PHE A 247 -22.63 -7.25 -7.77
N ARG A 248 -23.52 -6.72 -6.95
CA ARG A 248 -23.46 -6.92 -5.52
C ARG A 248 -23.49 -8.42 -5.18
N ASN A 249 -22.54 -8.85 -4.36
CA ASN A 249 -22.41 -10.21 -3.83
C ASN A 249 -21.98 -11.23 -4.87
N LEU A 250 -21.54 -10.81 -6.06
CA LEU A 250 -21.04 -11.79 -7.00
C LEU A 250 -19.64 -12.25 -6.61
N THR A 251 -19.11 -13.21 -7.36
CA THR A 251 -17.83 -13.83 -7.06
C THR A 251 -16.72 -12.77 -7.02
N ARG A 252 -15.93 -12.82 -5.95
CA ARG A 252 -14.83 -11.89 -5.73
C ARG A 252 -13.54 -12.43 -6.33
N ASN A 253 -12.90 -11.64 -7.20
CA ASN A 253 -11.66 -12.00 -7.84
C ASN A 253 -10.62 -10.96 -7.47
N VAL A 254 -9.38 -11.41 -7.31
CA VAL A 254 -8.25 -10.52 -7.12
C VAL A 254 -7.37 -10.62 -8.34
N HIS A 255 -6.98 -9.47 -8.89
CA HIS A 255 -6.05 -9.42 -9.99
C HIS A 255 -4.83 -8.63 -9.56
N ILE A 256 -3.67 -9.00 -10.10
CA ILE A 256 -2.42 -8.31 -9.87
C ILE A 256 -1.90 -7.92 -11.25
N PHE A 257 -1.89 -6.61 -11.54
CA PHE A 257 -1.41 -6.10 -12.81
C PHE A 257 -0.03 -5.50 -12.59
N TYR A 258 0.95 -5.89 -13.40
CA TYR A 258 2.31 -5.43 -13.13
C TYR A 258 3.03 -5.01 -14.41
N ASN A 259 3.98 -4.09 -14.22
CA ASN A 259 5.06 -3.88 -15.16
C ASN A 259 6.32 -3.67 -14.32
N ASP A 260 7.42 -3.22 -14.94
CA ASP A 260 8.65 -3.06 -14.16
C ASP A 260 8.47 -2.03 -13.06
N ASP A 261 7.68 -0.99 -13.32
CA ASP A 261 7.65 0.15 -12.41
C ASP A 261 6.51 0.09 -11.40
N GLU A 262 5.40 -0.57 -11.72
CA GLU A 262 4.22 -0.45 -10.88
C GLU A 262 3.46 -1.77 -10.79
N ILE A 263 2.84 -1.96 -9.63
CA ILE A 263 1.91 -3.05 -9.37
C ILE A 263 0.58 -2.44 -8.97
N VAL A 264 -0.49 -2.99 -9.53
CA VAL A 264 -1.85 -2.59 -9.19
C VAL A 264 -2.57 -3.86 -8.75
N ILE A 265 -3.13 -3.84 -7.55
CA ILE A 265 -3.88 -4.99 -7.05
C ILE A 265 -5.32 -4.56 -6.85
N THR A 266 -6.24 -5.29 -7.45
CA THR A 266 -7.65 -4.95 -7.38
C THR A 266 -8.43 -6.10 -6.78
N LEU A 267 -9.51 -5.73 -6.11
CA LEU A 267 -10.53 -6.66 -5.64
C LEU A 267 -11.84 -6.29 -6.31
N SER A 268 -12.49 -7.28 -6.93
CA SER A 268 -13.68 -7.01 -7.72
C SER A 268 -14.76 -8.04 -7.36
N GLU A 269 -16.02 -7.61 -7.43
CA GLU A 269 -17.16 -8.51 -7.37
C GLU A 269 -17.89 -8.38 -8.70
N GLY A 270 -18.01 -9.49 -9.42
CA GLY A 270 -18.39 -9.35 -10.82
C GLY A 270 -17.33 -8.49 -11.48
N GLU A 271 -17.76 -7.44 -12.18
CA GLU A 271 -16.87 -6.49 -12.80
C GLU A 271 -16.70 -5.21 -11.99
N PHE A 272 -17.32 -5.11 -10.82
CA PHE A 272 -17.27 -3.89 -10.01
C PHE A 272 -16.02 -3.90 -9.13
N GLU A 273 -15.18 -2.88 -9.25
CA GLU A 273 -13.95 -2.82 -8.48
C GLU A 273 -14.25 -2.31 -7.08
N ILE A 274 -14.10 -3.19 -6.10
CA ILE A 274 -14.33 -2.81 -4.71
C ILE A 274 -13.16 -1.99 -4.18
N SER A 275 -11.93 -2.38 -4.52
CA SER A 275 -10.75 -1.68 -4.05
C SER A 275 -9.61 -1.80 -5.05
N ARG A 276 -8.68 -0.86 -4.95
CA ARG A 276 -7.41 -0.90 -5.66
C ARG A 276 -6.34 -0.41 -4.71
N ILE A 277 -5.11 -0.87 -4.95
CA ILE A 277 -3.92 -0.35 -4.28
C ILE A 277 -2.83 -0.29 -5.36
N ARG A 278 -2.01 0.76 -5.30
CA ARG A 278 -0.94 0.94 -6.29
C ARG A 278 0.36 1.21 -5.56
N PHE A 279 1.42 0.51 -5.95
CA PHE A 279 2.74 0.72 -5.36
C PHE A 279 3.81 0.27 -6.35
N ASP A 280 5.07 0.53 -6.00
CA ASP A 280 6.19 0.27 -6.91
C ASP A 280 6.40 -1.22 -7.17
N GLY A 281 6.65 -1.57 -8.42
CA GLY A 281 7.22 -2.85 -8.76
C GLY A 281 8.69 -2.86 -8.37
N PRO A 282 9.42 -3.93 -8.71
CA PRO A 282 9.02 -5.09 -9.51
C PRO A 282 8.26 -6.15 -8.72
N LEU A 283 7.59 -7.01 -9.46
CA LEU A 283 6.89 -8.15 -8.91
C LEU A 283 7.76 -9.39 -9.09
N LEU A 284 7.85 -10.21 -8.03
CA LEU A 284 8.66 -11.41 -8.06
C LEU A 284 7.85 -12.51 -8.75
N TYR A 285 7.88 -12.51 -10.07
CA TYR A 285 7.03 -13.45 -10.82
C TYR A 285 7.49 -13.60 -12.28
N ALA B 37 -15.02 41.34 -9.49
CA ALA B 37 -13.70 40.81 -9.14
C ALA B 37 -12.91 40.43 -10.38
N LYS B 38 -11.79 41.12 -10.61
CA LYS B 38 -10.86 40.74 -11.68
C LYS B 38 -9.83 39.76 -11.15
N SER B 39 -9.44 38.81 -12.01
CA SER B 39 -8.59 37.70 -11.59
C SER B 39 -7.12 38.09 -11.67
N LEU B 40 -6.37 37.68 -10.65
CA LEU B 40 -4.93 37.75 -10.68
C LEU B 40 -4.38 36.61 -11.53
N GLN B 41 -3.12 36.73 -11.92
CA GLN B 41 -2.51 35.71 -12.76
C GLN B 41 -1.09 35.43 -12.28
N ARG B 42 -0.73 34.15 -12.24
CA ARG B 42 0.65 33.72 -12.03
C ARG B 42 0.90 32.49 -12.88
N TYR B 43 1.92 32.55 -13.73
CA TYR B 43 2.27 31.44 -14.63
C TYR B 43 1.02 31.05 -15.42
N ASN B 44 0.63 29.78 -15.45
CA ASN B 44 -0.52 29.37 -16.26
C ASN B 44 -1.82 29.36 -15.47
N VAL B 45 -1.94 30.16 -14.41
CA VAL B 45 -3.07 30.10 -13.49
C VAL B 45 -3.69 31.48 -13.36
N GLU B 46 -5.02 31.54 -13.47
CA GLU B 46 -5.82 32.71 -13.15
C GLU B 46 -6.63 32.44 -11.90
N TYR B 47 -6.52 33.31 -10.90
CA TYR B 47 -7.12 33.04 -9.60
C TYR B 47 -7.61 34.33 -8.95
N THR B 48 -8.35 34.18 -7.85
CA THR B 48 -8.71 35.28 -6.96
C THR B 48 -8.51 34.84 -5.52
N ILE B 49 -8.46 35.83 -4.63
CA ILE B 49 -8.31 35.61 -3.19
C ILE B 49 -9.61 35.96 -2.49
N ASP B 50 -10.15 35.03 -1.72
CA ASP B 50 -11.39 35.23 -0.98
C ASP B 50 -11.03 35.46 0.49
N ASN B 51 -11.09 36.72 0.93
CA ASN B 51 -10.66 37.09 2.26
C ASN B 51 -11.65 36.70 3.34
N ASP B 52 -12.94 36.61 3.01
CA ASP B 52 -13.90 36.05 3.94
C ASP B 52 -13.51 34.64 4.36
N LEU B 53 -13.47 33.71 3.40
CA LEU B 53 -13.16 32.32 3.70
C LEU B 53 -11.67 32.02 3.81
N ASN B 54 -10.81 33.01 3.58
CA ASN B 54 -9.36 32.83 3.60
C ASN B 54 -8.92 31.69 2.68
N ARG B 55 -9.35 31.76 1.42
CA ARG B 55 -9.08 30.73 0.42
C ARG B 55 -8.66 31.40 -0.88
N ILE B 56 -7.99 30.63 -1.73
CA ILE B 56 -7.69 31.03 -3.10
C ILE B 56 -8.54 30.18 -4.03
N LEU B 57 -9.18 30.82 -4.99
CA LEU B 57 -10.05 30.16 -5.96
C LEU B 57 -9.38 30.23 -7.32
N ILE B 58 -9.18 29.09 -7.95
CA ILE B 58 -8.53 29.04 -9.25
C ILE B 58 -9.63 28.96 -10.31
N HIS B 59 -9.64 29.93 -11.22
CA HIS B 59 -10.69 30.01 -12.25
C HIS B 59 -10.26 29.44 -13.59
N LYS B 60 -9.00 29.63 -13.98
CA LYS B 60 -8.48 29.11 -15.23
C LYS B 60 -7.09 28.52 -15.05
N VAL B 61 -6.83 27.44 -15.79
CA VAL B 61 -5.50 26.90 -15.98
C VAL B 61 -5.29 26.65 -17.47
N ASP B 62 -4.12 27.02 -17.98
CA ASP B 62 -3.77 26.79 -19.39
C ASP B 62 -4.84 27.36 -20.32
N ASN B 63 -5.41 28.49 -19.93
CA ASN B 63 -6.35 29.29 -20.73
C ASN B 63 -7.73 28.68 -20.84
N ARG B 64 -8.17 27.84 -19.89
CA ARG B 64 -9.57 27.44 -19.91
C ARG B 64 -10.11 27.33 -18.50
N THR B 65 -11.43 27.33 -18.42
CA THR B 65 -12.12 27.31 -17.14
C THR B 65 -11.93 25.93 -16.50
N VAL B 66 -11.59 25.91 -15.21
CA VAL B 66 -11.38 24.66 -14.49
C VAL B 66 -12.25 24.65 -13.24
N SER B 67 -12.36 23.47 -12.64
CA SER B 67 -12.98 23.32 -11.33
C SER B 67 -11.99 22.58 -10.43
N ILE B 68 -11.46 23.27 -9.43
CA ILE B 68 -10.53 22.69 -8.47
C ILE B 68 -11.11 22.91 -7.09
N ASN B 69 -11.49 21.83 -6.42
CA ASN B 69 -12.29 21.89 -5.20
C ASN B 69 -11.54 21.19 -4.09
N VAL B 70 -11.13 21.95 -3.08
CA VAL B 70 -10.51 21.37 -1.89
C VAL B 70 -11.60 20.77 -1.01
N ILE B 71 -11.42 19.50 -0.66
CA ILE B 71 -12.38 18.71 0.09
C ILE B 71 -11.83 18.52 1.49
N GLY B 72 -12.70 18.53 2.49
CA GLY B 72 -12.23 18.11 3.79
C GLY B 72 -11.97 16.61 3.76
N HIS B 73 -12.05 15.95 4.89
CA HIS B 73 -12.02 14.49 4.84
C HIS B 73 -13.32 13.90 4.29
N GLN B 74 -14.36 14.71 4.11
CA GLN B 74 -15.64 14.22 3.61
C GLN B 74 -16.22 15.24 2.62
N SER B 75 -16.49 14.81 1.39
CA SER B 75 -17.08 15.71 0.41
C SER B 75 -18.56 15.91 0.71
N ASN B 76 -19.16 16.86 0.00
CA ASN B 76 -20.60 17.07 0.02
C ASN B 76 -21.36 16.09 -0.85
N ASP B 77 -20.68 15.10 -1.43
CA ASP B 77 -21.28 14.03 -2.24
C ASP B 77 -22.03 14.56 -3.46
N SER B 78 -21.69 15.77 -3.92
CA SER B 78 -22.31 16.31 -5.13
C SER B 78 -21.96 15.47 -6.36
N ASP B 79 -22.98 15.24 -7.21
CA ASP B 79 -22.77 14.50 -8.46
C ASP B 79 -21.74 15.17 -9.35
N THR B 80 -21.57 16.48 -9.23
CA THR B 80 -20.71 17.16 -10.17
C THR B 80 -19.25 16.89 -9.90
N LEU B 81 -18.91 16.38 -8.70
CA LEU B 81 -17.55 15.93 -8.44
C LEU B 81 -17.24 14.58 -9.05
N ASP B 82 -18.26 13.84 -9.51
CA ASP B 82 -18.02 12.47 -9.98
C ASP B 82 -17.11 12.45 -11.21
N ARG B 83 -17.23 13.47 -12.08
CA ARG B 83 -16.50 13.49 -13.34
C ARG B 83 -15.13 14.16 -13.22
N LEU B 84 -14.65 14.41 -12.01
CA LEU B 84 -13.36 15.07 -11.80
C LEU B 84 -12.34 14.06 -11.28
N HIS B 85 -11.06 14.40 -11.44
CA HIS B 85 -9.99 13.60 -10.84
C HIS B 85 -10.03 13.75 -9.34
N HIS B 86 -9.97 12.64 -8.61
CA HIS B 86 -9.89 12.69 -7.16
C HIS B 86 -8.49 12.28 -6.71
N PHE B 87 -7.85 13.15 -5.93
CA PHE B 87 -6.66 12.84 -5.16
C PHE B 87 -6.99 13.30 -3.74
N PRO B 88 -6.29 12.75 -2.71
CA PRO B 88 -6.71 13.06 -1.32
C PRO B 88 -6.83 14.55 -1.05
N GLY B 89 -8.04 14.97 -0.67
CA GLY B 89 -8.28 16.37 -0.37
C GLY B 89 -8.73 17.24 -1.53
N VAL B 90 -8.83 16.71 -2.75
CA VAL B 90 -9.17 17.56 -3.89
C VAL B 90 -9.97 16.77 -4.91
N ALA B 91 -10.86 17.47 -5.61
CA ALA B 91 -11.50 16.98 -6.82
C ALA B 91 -11.22 18.03 -7.89
N THR B 92 -10.54 17.64 -8.96
CA THR B 92 -9.97 18.64 -9.86
C THR B 92 -10.23 18.25 -11.30
N SER B 93 -10.68 19.22 -12.12
CA SER B 93 -10.81 18.95 -13.55
C SER B 93 -9.47 18.88 -14.24
N VAL B 94 -8.40 19.22 -13.53
CA VAL B 94 -7.06 19.32 -14.09
C VAL B 94 -6.18 18.26 -13.44
N MET B 95 -5.37 17.57 -14.26
CA MET B 95 -4.48 16.54 -13.76
C MET B 95 -3.38 17.13 -12.86
N PHE B 96 -3.16 16.48 -11.71
CA PHE B 96 -2.04 16.81 -10.83
C PHE B 96 -0.96 15.75 -11.02
N PRO B 97 0.16 16.07 -11.68
CA PRO B 97 1.14 15.04 -12.01
C PRO B 97 1.93 14.56 -10.80
N ARG B 98 2.66 13.49 -11.01
CA ARG B 98 3.53 12.92 -9.97
C ARG B 98 4.70 13.85 -9.68
N ILE B 99 4.95 14.12 -8.42
CA ILE B 99 6.14 14.87 -8.03
C ILE B 99 7.08 13.92 -7.32
N ASP B 100 8.34 14.33 -7.20
CA ASP B 100 9.27 13.56 -6.40
C ASP B 100 9.54 14.29 -5.09
N MET B 101 10.35 13.68 -4.23
CA MET B 101 10.60 14.21 -2.91
C MET B 101 11.87 15.05 -2.86
N THR B 102 12.48 15.36 -4.00
CA THR B 102 13.74 16.08 -4.02
C THR B 102 13.70 17.38 -4.81
N SER B 103 12.80 17.54 -5.77
CA SER B 103 12.79 18.73 -6.61
C SER B 103 12.01 19.85 -5.93
N ALA B 104 12.47 21.08 -6.14
CA ALA B 104 11.84 22.22 -5.51
C ALA B 104 10.49 22.56 -6.16
N LEU B 105 9.56 23.02 -5.33
CA LEU B 105 8.28 23.56 -5.76
C LEU B 105 8.13 24.97 -5.21
N PHE B 106 7.21 25.71 -5.80
CA PHE B 106 6.94 27.08 -5.39
C PHE B 106 5.46 27.24 -5.07
N VAL B 107 5.15 27.61 -3.84
CA VAL B 107 3.76 27.77 -3.41
C VAL B 107 3.44 29.25 -3.34
N LEU B 108 2.28 29.63 -3.87
CA LEU B 108 1.89 31.02 -3.98
C LEU B 108 1.36 31.56 -2.65
N LEU B 109 1.88 32.70 -2.22
CA LEU B 109 1.50 33.30 -0.95
C LEU B 109 0.43 34.34 -1.15
N LYS B 110 -0.22 34.71 -0.04
CA LYS B 110 -1.31 35.68 -0.06
C LYS B 110 -0.87 37.04 -0.58
N ASN B 111 0.41 37.39 -0.42
CA ASN B 111 0.91 38.69 -0.88
C ASN B 111 1.43 38.67 -2.30
N GLY B 112 1.24 37.56 -3.04
CA GLY B 112 1.69 37.47 -4.42
C GLY B 112 3.08 36.94 -4.61
N ALA B 113 3.89 36.87 -3.56
CA ALA B 113 5.18 36.21 -3.63
C ALA B 113 4.99 34.70 -3.50
N MET B 114 6.09 33.95 -3.61
CA MET B 114 6.05 32.49 -3.52
C MET B 114 7.08 32.00 -2.52
N ALA B 115 6.81 30.85 -1.92
CA ALA B 115 7.76 30.19 -1.04
C ALA B 115 8.34 28.99 -1.76
N ARG B 116 9.67 28.90 -1.79
CA ARG B 116 10.35 27.74 -2.35
C ARG B 116 10.39 26.63 -1.31
N VAL B 117 9.77 25.49 -1.63
CA VAL B 117 9.66 24.38 -0.68
C VAL B 117 10.09 23.09 -1.37
N VAL B 118 10.68 22.20 -0.58
CA VAL B 118 11.09 20.87 -1.02
C VAL B 118 10.22 19.85 -0.30
N PRO B 119 9.40 19.06 -1.01
CA PRO B 119 8.46 18.13 -0.36
C PRO B 119 9.11 16.80 -0.03
N GLU B 120 10.02 16.81 0.93
CA GLU B 120 10.81 15.63 1.22
C GLU B 120 10.20 14.74 2.31
N PHE B 121 9.08 15.13 2.89
CA PHE B 121 8.44 14.34 3.92
C PHE B 121 7.28 13.54 3.36
N VAL B 122 6.82 12.56 4.12
CA VAL B 122 5.75 11.67 3.70
C VAL B 122 4.66 11.74 4.75
N TYR B 123 3.47 12.16 4.33
CA TYR B 123 2.27 12.12 5.14
C TYR B 123 1.16 11.44 4.35
N THR B 124 0.26 10.81 5.06
CA THR B 124 -0.88 10.16 4.42
C THR B 124 -2.11 11.02 4.64
N ASN B 125 -2.87 11.22 3.57
CA ASN B 125 -4.14 11.92 3.64
C ASN B 125 -5.20 11.14 2.89
N TYR B 126 -6.45 11.55 3.06
CA TYR B 126 -7.58 10.81 2.50
C TYR B 126 -8.79 11.72 2.43
N HIS B 127 -9.74 11.36 1.56
CA HIS B 127 -11.09 11.85 1.73
C HIS B 127 -12.07 10.77 1.30
N VAL B 128 -13.34 11.00 1.62
CA VAL B 128 -14.43 10.15 1.17
C VAL B 128 -15.32 10.97 0.27
N HIS B 129 -15.67 10.40 -0.89
CA HIS B 129 -16.71 10.95 -1.75
C HIS B 129 -17.62 9.81 -2.20
N LYS B 130 -18.91 9.92 -1.88
CA LYS B 130 -19.94 8.97 -2.32
C LYS B 130 -19.55 7.52 -1.99
N HIS B 131 -19.25 7.28 -0.72
CA HIS B 131 -18.93 5.94 -0.24
C HIS B 131 -17.68 5.36 -0.90
N ARG B 132 -16.77 6.22 -1.35
CA ARG B 132 -15.47 5.78 -1.84
C ARG B 132 -14.38 6.49 -1.04
N LEU B 133 -13.51 5.72 -0.40
CA LEU B 133 -12.34 6.28 0.26
C LEU B 133 -11.22 6.41 -0.76
N VAL B 134 -10.65 7.60 -0.86
CA VAL B 134 -9.45 7.83 -1.64
C VAL B 134 -8.35 8.17 -0.65
N TYR B 135 -7.26 7.40 -0.66
CA TYR B 135 -6.16 7.65 0.25
C TYR B 135 -4.84 7.53 -0.48
N SER B 136 -3.82 8.20 0.06
CA SER B 136 -2.49 8.10 -0.53
C SER B 136 -1.47 8.64 0.44
N GLN B 137 -0.31 8.00 0.49
CA GLN B 137 0.88 8.71 0.97
C GLN B 137 1.21 9.79 -0.05
N LEU B 138 1.62 10.96 0.44
CA LEU B 138 1.89 12.10 -0.42
C LEU B 138 3.19 12.75 0.01
N ALA B 139 3.96 13.20 -0.99
CA ALA B 139 5.08 14.10 -0.71
C ALA B 139 4.57 15.37 -0.05
N THR B 140 5.30 15.83 0.97
CA THR B 140 4.82 16.82 1.92
C THR B 140 5.96 17.78 2.23
N PHE B 141 5.69 19.09 2.20
CA PHE B 141 6.70 20.05 2.60
C PHE B 141 6.37 20.66 3.96
N ALA B 142 7.40 21.24 4.59
CA ALA B 142 7.30 21.83 5.92
C ALA B 142 7.70 23.29 5.88
N LEU B 143 6.99 24.12 6.66
CA LEU B 143 7.38 25.51 6.83
C LEU B 143 7.63 25.74 8.31
N GLU B 144 8.88 26.03 8.65
CA GLU B 144 9.22 26.33 10.05
C GLU B 144 8.76 27.72 10.47
N ASP B 145 8.67 28.66 9.51
CA ASP B 145 8.27 30.03 9.79
C ASP B 145 6.75 30.12 9.72
N ARG B 146 6.10 30.26 10.88
CA ARG B 146 4.64 30.30 10.89
C ARG B 146 4.09 31.60 10.34
N THR B 147 4.90 32.65 10.23
CA THR B 147 4.45 33.84 9.52
C THR B 147 4.25 33.52 8.04
N VAL B 148 5.18 32.78 7.44
CA VAL B 148 5.04 32.35 6.05
C VAL B 148 3.90 31.36 5.91
N ALA B 149 3.80 30.41 6.84
CA ALA B 149 2.75 29.38 6.77
C ALA B 149 1.37 30.01 6.80
N ASP B 150 1.16 31.01 7.65
CA ASP B 150 -0.12 31.72 7.66
C ASP B 150 -0.41 32.47 6.36
N MET B 151 0.60 32.73 5.52
CA MET B 151 0.36 33.34 4.22
C MET B 151 0.02 32.31 3.14
N VAL B 152 0.02 31.02 3.48
CA VAL B 152 -0.33 29.96 2.57
C VAL B 152 -1.81 29.67 2.80
N LEU B 153 -2.62 29.92 1.78
CA LEU B 153 -4.07 29.81 1.89
C LEU B 153 -4.53 28.49 1.31
N ILE B 154 -5.63 27.97 1.85
CA ILE B 154 -6.26 26.81 1.24
C ILE B 154 -6.52 27.11 -0.23
N GLY B 155 -6.15 26.17 -1.10
CA GLY B 155 -6.33 26.32 -2.53
C GLY B 155 -5.19 27.00 -3.26
N ALA B 156 -4.15 27.44 -2.54
CA ALA B 156 -3.07 28.15 -3.19
C ALA B 156 -2.39 27.25 -4.22
N PRO B 157 -2.09 27.78 -5.40
CA PRO B 157 -1.39 26.98 -6.41
C PRO B 157 0.01 26.62 -5.98
N ILE B 158 0.41 25.41 -6.33
CA ILE B 158 1.77 24.94 -6.14
C ILE B 158 2.33 24.70 -7.53
N PHE B 159 3.47 25.34 -7.82
CA PHE B 159 4.08 25.35 -9.15
C PHE B 159 5.34 24.50 -9.19
N ARG B 160 5.58 23.88 -10.34
CA ARG B 160 6.83 23.19 -10.63
C ARG B 160 7.26 23.60 -12.02
N ASN B 161 8.49 24.13 -12.15
CA ASN B 161 8.95 24.72 -13.43
C ASN B 161 7.88 25.59 -14.07
N LYS B 162 7.32 26.51 -13.27
CA LYS B 162 6.42 27.57 -13.73
C LYS B 162 5.11 27.04 -14.31
N LYS B 163 4.70 25.84 -13.94
CA LYS B 163 3.39 25.32 -14.30
C LYS B 163 2.76 24.72 -13.05
N LEU B 164 1.44 24.88 -12.92
CA LEU B 164 0.70 24.30 -11.81
C LEU B 164 0.90 22.78 -11.75
N VAL B 165 1.15 22.25 -10.55
CA VAL B 165 1.19 20.79 -10.41
C VAL B 165 0.21 20.33 -9.35
N SER B 166 -0.18 21.23 -8.44
CA SER B 166 -1.06 20.86 -7.35
C SER B 166 -1.59 22.13 -6.69
N VAL B 167 -2.45 21.96 -5.67
CA VAL B 167 -2.86 23.08 -4.83
C VAL B 167 -2.76 22.67 -3.35
N VAL B 168 -2.64 23.70 -2.49
CA VAL B 168 -2.65 23.47 -1.06
C VAL B 168 -4.02 22.95 -0.63
N THR B 169 -4.00 21.82 0.10
CA THR B 169 -5.25 21.28 0.61
C THR B 169 -5.25 21.41 2.13
N HIS B 170 -4.65 20.45 2.82
CA HIS B 170 -4.67 20.43 4.27
C HIS B 170 -3.32 20.92 4.83
N ARG B 171 -3.30 21.20 6.13
CA ARG B 171 -2.04 21.47 6.81
C ARG B 171 -2.10 20.87 8.21
N HIS B 172 -0.93 20.66 8.80
CA HIS B 172 -0.84 20.04 10.11
C HIS B 172 0.34 20.65 10.84
N ASP B 173 0.08 21.31 11.96
CA ASP B 173 1.16 21.84 12.80
C ASP B 173 1.76 20.68 13.57
N ASP B 174 2.96 20.27 13.17
CA ASP B 174 3.65 19.13 13.76
C ASP B 174 4.34 19.56 15.06
N ARG B 175 3.96 18.94 16.17
CA ARG B 175 4.58 19.23 17.47
C ARG B 175 6.05 18.83 17.46
N ASP B 176 6.33 17.57 17.10
CA ASP B 176 7.68 17.05 17.24
C ASP B 176 8.65 17.68 16.25
N ARG B 177 8.18 18.03 15.06
CA ARG B 177 9.07 18.68 14.11
C ARG B 177 9.08 20.20 14.28
N ASP B 178 8.14 20.74 15.06
CA ASP B 178 7.93 22.18 15.23
C ASP B 178 7.89 22.88 13.87
N ALA B 179 6.98 22.43 13.03
CA ALA B 179 6.82 22.95 11.68
C ALA B 179 5.41 22.64 11.20
N VAL B 180 4.92 23.46 10.28
CA VAL B 180 3.62 23.22 9.65
C VAL B 180 3.84 22.40 8.39
N MET B 181 3.15 21.27 8.29
CA MET B 181 3.35 20.35 7.19
C MET B 181 2.21 20.47 6.18
N PHE B 182 2.58 20.46 4.90
CA PHE B 182 1.62 20.62 3.80
C PHE B 182 1.79 19.48 2.78
N PRO B 183 0.83 18.53 2.73
CA PRO B 183 0.90 17.54 1.65
C PRO B 183 0.69 18.19 0.29
N VAL B 184 1.31 17.59 -0.72
CA VAL B 184 1.13 18.03 -2.10
C VAL B 184 0.33 16.96 -2.83
N THR B 185 -0.98 17.12 -2.88
CA THR B 185 -1.80 16.04 -3.38
C THR B 185 -1.65 15.91 -4.90
N GLY B 186 -1.85 14.68 -5.38
CA GLY B 186 -1.68 14.39 -6.80
C GLY B 186 -1.43 12.90 -6.97
N ILE B 187 -0.94 12.54 -8.16
CA ILE B 187 -0.64 11.16 -8.48
C ILE B 187 0.43 10.61 -7.53
N ARG B 188 0.21 9.39 -7.04
CA ARG B 188 1.12 8.68 -6.13
C ARG B 188 2.60 8.84 -6.50
N PRO B 189 3.43 9.41 -5.63
CA PRO B 189 4.86 9.47 -5.94
C PRO B 189 5.50 8.07 -5.94
N ARG B 190 6.61 7.97 -6.67
CA ARG B 190 7.43 6.76 -6.61
C ARG B 190 7.80 6.47 -5.16
N ASN B 191 7.79 5.19 -4.80
CA ASN B 191 8.08 4.65 -3.47
C ASN B 191 6.93 4.84 -2.48
N LEU B 192 5.81 5.46 -2.86
CA LEU B 192 4.70 5.59 -1.93
C LEU B 192 3.53 4.74 -2.42
N VAL B 193 2.50 4.66 -1.60
CA VAL B 193 1.33 3.82 -1.87
C VAL B 193 0.08 4.70 -1.94
N SER B 194 -0.83 4.34 -2.85
CA SER B 194 -2.16 4.92 -2.89
C SER B 194 -3.18 3.81 -3.08
N GLY B 195 -4.43 4.12 -2.77
CA GLY B 195 -5.49 3.16 -3.01
C GLY B 195 -6.85 3.79 -2.88
N GLN B 196 -7.87 2.98 -3.17
CA GLN B 196 -9.25 3.39 -3.06
C GLN B 196 -10.07 2.20 -2.60
N ILE B 197 -11.12 2.47 -1.83
CA ILE B 197 -12.00 1.42 -1.30
C ILE B 197 -13.45 1.88 -1.34
N GLN B 198 -14.30 1.10 -1.99
CA GLN B 198 -15.74 1.29 -2.00
C GLN B 198 -16.35 0.62 -0.77
N PHE B 199 -17.20 1.34 -0.02
CA PHE B 199 -17.87 0.79 1.17
C PHE B 199 -19.34 1.20 1.19
N ASP B 200 -20.04 0.80 2.24
CA ASP B 200 -21.49 0.93 2.29
C ASP B 200 -21.98 1.94 3.31
N SER B 201 -21.27 2.02 4.43
CA SER B 201 -21.72 2.72 5.62
C SER B 201 -21.90 4.21 5.36
N ASN B 202 -22.92 4.79 5.99
CA ASN B 202 -23.23 6.19 5.76
C ASN B 202 -22.52 7.12 6.73
N ASN B 203 -21.94 6.60 7.81
CA ASN B 203 -21.18 7.40 8.75
C ASN B 203 -19.77 7.73 8.25
N GLY B 204 -19.43 7.38 7.01
CA GLY B 204 -18.14 7.78 6.47
C GLY B 204 -16.99 6.98 7.06
N VAL B 205 -15.81 7.58 7.05
CA VAL B 205 -14.62 7.00 7.68
C VAL B 205 -14.09 8.01 8.68
N THR B 206 -13.88 7.56 9.91
CA THR B 206 -13.29 8.38 10.97
C THR B 206 -12.08 7.64 11.51
N PRO B 207 -10.86 8.15 11.29
CA PRO B 207 -9.68 7.45 11.80
C PRO B 207 -9.68 7.41 13.31
N GLU B 208 -9.10 6.35 13.85
CA GLU B 208 -9.00 6.14 15.29
C GLU B 208 -7.55 5.82 15.64
N ARG B 209 -7.06 6.42 16.71
CA ARG B 209 -5.72 6.12 17.17
C ARG B 209 -5.69 4.69 17.70
N LEU B 210 -4.67 3.94 17.28
CA LEU B 210 -4.45 2.59 17.76
C LEU B 210 -3.82 2.69 19.14
N LEU B 211 -4.54 2.22 20.16
CA LEU B 211 -4.09 2.33 21.54
C LEU B 211 -3.00 1.31 21.86
N THR B 212 -2.13 1.69 22.80
CA THR B 212 -1.03 0.81 23.18
C THR B 212 -1.56 -0.52 23.69
N GLY B 213 -0.92 -1.60 23.26
CA GLY B 213 -1.33 -2.93 23.67
C GLY B 213 -2.48 -3.53 22.90
N ARG B 214 -2.94 -2.86 21.84
CA ARG B 214 -4.01 -3.38 21.00
C ARG B 214 -3.49 -3.76 19.62
N SER B 215 -4.18 -4.71 19.00
CA SER B 215 -3.95 -5.14 17.63
C SER B 215 -5.27 -5.02 16.87
N VAL B 216 -5.21 -4.94 15.55
CA VAL B 216 -6.45 -4.75 14.78
C VAL B 216 -6.88 -6.04 14.12
N TYR B 217 -8.19 -6.24 14.10
CA TYR B 217 -8.83 -7.19 13.21
C TYR B 217 -10.11 -6.54 12.75
N GLY B 218 -10.24 -6.37 11.45
CA GLY B 218 -11.50 -5.86 10.89
C GLY B 218 -11.82 -4.47 11.40
N ARG B 219 -12.99 -4.33 12.03
CA ARG B 219 -13.48 -3.06 12.57
C ARG B 219 -12.87 -2.70 13.91
N ARG B 220 -12.18 -3.63 14.58
CA ARG B 220 -11.91 -3.50 16.00
C ARG B 220 -10.42 -3.50 16.29
N GLN B 221 -10.07 -2.83 17.38
CA GLN B 221 -8.76 -2.92 18.01
C GLN B 221 -8.98 -3.45 19.41
N MET B 222 -8.21 -4.47 19.80
CA MET B 222 -8.36 -5.07 21.11
C MET B 222 -7.01 -5.56 21.60
N SER B 223 -6.91 -5.63 22.92
CA SER B 223 -5.76 -6.28 23.53
C SER B 223 -5.82 -7.78 23.23
N TYR B 224 -4.69 -8.44 23.47
CA TYR B 224 -4.57 -9.84 23.13
C TYR B 224 -5.52 -10.69 23.96
N LEU B 225 -5.60 -10.42 25.27
CA LEU B 225 -6.40 -11.21 26.20
C LEU B 225 -7.79 -10.61 26.38
N PRO B 226 -8.77 -11.42 26.77
CA PRO B 226 -10.13 -10.91 27.00
C PRO B 226 -10.16 -9.72 27.95
N ASN B 227 -10.99 -8.74 27.58
CA ASN B 227 -11.24 -7.48 28.31
C ASN B 227 -10.09 -6.49 28.24
N SER B 230 -15.16 -7.77 26.45
CA SER B 230 -14.30 -7.86 25.27
C SER B 230 -13.50 -9.15 25.27
N VAL B 231 -13.54 -9.84 24.12
CA VAL B 231 -13.07 -11.20 24.00
C VAL B 231 -11.58 -11.32 23.73
N GLY B 232 -10.94 -10.27 23.22
CA GLY B 232 -9.53 -10.36 22.92
C GLY B 232 -9.26 -10.65 21.45
N ILE B 233 -8.19 -10.06 20.89
CA ILE B 233 -8.07 -9.96 19.42
C ILE B 233 -7.89 -11.34 18.79
N LYS B 234 -7.24 -12.26 19.49
CA LYS B 234 -6.95 -13.56 18.90
C LYS B 234 -8.20 -14.41 18.78
N GLU B 235 -9.04 -14.44 19.83
CA GLU B 235 -10.29 -15.18 19.73
C GLU B 235 -11.25 -14.49 18.78
N PHE B 236 -11.28 -13.16 18.80
CA PHE B 236 -12.15 -12.42 17.90
C PHE B 236 -11.81 -12.71 16.44
N ALA B 237 -10.53 -12.58 16.07
CA ALA B 237 -10.14 -12.83 14.69
C ALA B 237 -10.48 -14.25 14.26
N LEU B 238 -10.19 -15.22 15.12
CA LEU B 238 -10.49 -16.61 14.77
C LEU B 238 -11.99 -16.82 14.62
N THR B 239 -12.77 -16.28 15.55
CA THR B 239 -14.21 -16.45 15.51
C THR B 239 -14.80 -15.76 14.28
N SER B 240 -14.33 -14.55 13.98
CA SER B 240 -14.85 -13.82 12.83
C SER B 240 -14.54 -14.56 11.54
N VAL B 241 -13.33 -15.12 11.41
CA VAL B 241 -13.00 -15.86 10.19
C VAL B 241 -13.83 -17.13 10.09
N ALA B 242 -13.93 -17.88 11.20
CA ALA B 242 -14.76 -19.09 11.21
C ALA B 242 -16.19 -18.79 10.78
N ASN B 243 -16.75 -17.67 11.24
CA ASN B 243 -18.14 -17.32 10.94
C ASN B 243 -18.27 -16.43 9.70
N ARG B 244 -17.30 -16.54 8.77
CA ARG B 244 -17.29 -15.74 7.55
C ARG B 244 -18.64 -15.73 6.83
N ALA B 245 -19.28 -16.90 6.71
CA ALA B 245 -20.51 -16.99 5.96
C ALA B 245 -21.63 -16.19 6.61
N THR B 246 -21.62 -16.01 7.93
CA THR B 246 -22.70 -15.21 8.50
C THR B 246 -22.50 -13.72 8.28
N PHE B 247 -21.28 -13.29 7.99
CA PHE B 247 -21.06 -11.88 7.72
C PHE B 247 -21.11 -11.53 6.25
N ARG B 248 -21.17 -12.55 5.38
CA ARG B 248 -21.18 -12.30 3.94
C ARG B 248 -22.33 -11.38 3.55
N ASN B 249 -21.99 -10.31 2.84
CA ASN B 249 -22.88 -9.36 2.18
C ASN B 249 -23.42 -8.34 3.18
N LEU B 250 -22.99 -8.38 4.44
CA LEU B 250 -23.39 -7.35 5.39
C LEU B 250 -22.71 -6.01 5.07
N THR B 251 -23.07 -4.98 5.84
CA THR B 251 -22.62 -3.62 5.59
C THR B 251 -21.10 -3.50 5.61
N ARG B 252 -20.54 -2.96 4.51
CA ARG B 252 -19.11 -2.78 4.39
C ARG B 252 -18.67 -1.50 5.10
N ASN B 253 -17.71 -1.63 6.03
CA ASN B 253 -17.13 -0.51 6.76
C ASN B 253 -15.63 -0.45 6.53
N VAL B 254 -15.09 0.76 6.45
CA VAL B 254 -13.66 0.97 6.36
C VAL B 254 -13.20 1.65 7.64
N HIS B 255 -12.15 1.12 8.24
CA HIS B 255 -11.51 1.74 9.39
C HIS B 255 -10.07 2.08 9.06
N ILE B 256 -9.57 3.13 9.70
CA ILE B 256 -8.19 3.60 9.56
C ILE B 256 -7.62 3.70 10.98
N PHE B 257 -6.71 2.79 11.32
CA PHE B 257 -6.08 2.77 12.62
C PHE B 257 -4.70 3.37 12.49
N TYR B 258 -4.36 4.30 13.35
CA TYR B 258 -3.09 5.00 13.17
C TYR B 258 -2.36 5.21 14.49
N ASN B 259 -1.04 5.26 14.38
CA ASN B 259 -0.21 5.89 15.40
C ASN B 259 0.84 6.70 14.63
N ASP B 260 1.90 7.11 15.32
CA ASP B 260 2.93 7.90 14.65
C ASP B 260 3.64 7.08 13.59
N ASP B 261 3.79 5.77 13.84
CA ASP B 261 4.64 4.93 13.02
C ASP B 261 3.90 4.21 11.91
N GLU B 262 2.63 3.84 12.10
CA GLU B 262 1.99 2.91 11.18
C GLU B 262 0.54 3.32 10.98
N ILE B 263 0.03 3.02 9.78
CA ILE B 263 -1.38 3.14 9.45
C ILE B 263 -1.86 1.77 9.01
N VAL B 264 -3.02 1.37 9.51
CA VAL B 264 -3.68 0.13 9.10
C VAL B 264 -5.07 0.49 8.57
N ILE B 265 -5.35 0.10 7.34
CA ILE B 265 -6.66 0.33 6.73
C ILE B 265 -7.33 -1.00 6.46
N THR B 266 -8.53 -1.18 6.98
CA THR B 266 -9.26 -2.42 6.81
C THR B 266 -10.61 -2.17 6.14
N LEU B 267 -11.03 -3.16 5.36
CA LEU B 267 -12.36 -3.23 4.79
C LEU B 267 -13.04 -4.44 5.42
N SER B 268 -14.22 -4.23 5.99
CA SER B 268 -14.90 -5.32 6.67
C SER B 268 -16.35 -5.38 6.22
N GLU B 269 -16.94 -6.58 6.29
CA GLU B 269 -18.37 -6.76 6.10
C GLU B 269 -18.86 -7.44 7.37
N GLY B 270 -19.81 -6.80 8.07
CA GLY B 270 -20.06 -7.21 9.45
C GLY B 270 -18.77 -7.07 10.24
N GLU B 271 -18.36 -8.17 10.90
CA GLU B 271 -17.08 -8.20 11.60
C GLU B 271 -15.98 -8.88 10.80
N PHE B 272 -16.27 -9.40 9.62
CA PHE B 272 -15.28 -10.16 8.85
C PHE B 272 -14.38 -9.20 8.05
N GLU B 273 -13.06 -9.33 8.24
CA GLU B 273 -12.08 -8.48 7.57
C GLU B 273 -11.82 -9.00 6.16
N ILE B 274 -12.36 -8.28 5.16
CA ILE B 274 -12.12 -8.64 3.77
C ILE B 274 -10.69 -8.34 3.36
N SER B 275 -10.16 -7.21 3.84
CA SER B 275 -8.79 -6.85 3.45
C SER B 275 -8.17 -5.94 4.50
N ARG B 276 -6.84 -5.91 4.49
CA ARG B 276 -6.05 -4.98 5.27
C ARG B 276 -4.89 -4.49 4.42
N ILE B 277 -4.46 -3.26 4.71
CA ILE B 277 -3.25 -2.63 4.18
C ILE B 277 -2.47 -2.05 5.33
N ARG B 278 -1.14 -2.19 5.31
CA ARG B 278 -0.29 -1.62 6.34
C ARG B 278 0.86 -0.89 5.69
N PHE B 279 1.09 0.35 6.13
CA PHE B 279 2.20 1.15 5.64
C PHE B 279 2.51 2.22 6.68
N ASP B 280 3.58 2.98 6.42
CA ASP B 280 4.10 3.95 7.39
C ASP B 280 3.16 5.13 7.58
N GLY B 281 3.01 5.55 8.84
CA GLY B 281 2.48 6.86 9.13
C GLY B 281 3.55 7.91 8.86
N PRO B 282 3.29 9.17 9.26
CA PRO B 282 2.10 9.68 9.94
C PRO B 282 0.88 9.90 9.05
N LEU B 283 -0.29 9.93 9.70
CA LEU B 283 -1.57 10.24 9.08
C LEU B 283 -1.86 11.71 9.29
N LEU B 284 -2.29 12.41 8.24
CA LEU B 284 -2.60 13.83 8.33
C LEU B 284 -3.98 13.96 8.94
N TYR B 285 -4.05 14.01 10.28
CA TYR B 285 -5.35 14.07 10.94
C TYR B 285 -5.23 14.46 12.41
S SO4 C . 10.24 -30.21 21.40
O1 SO4 C . 9.79 -28.90 20.95
O2 SO4 C . 10.29 -31.14 20.27
O3 SO4 C . 9.31 -30.77 22.38
O4 SO4 C . 11.58 -30.12 22.04
S SO4 D . 8.94 -16.75 18.43
O1 SO4 D . 8.32 -17.29 17.21
O2 SO4 D . 9.17 -15.34 18.14
O3 SO4 D . 8.04 -17.04 19.55
O4 SO4 D . 10.17 -17.46 18.77
CL CL E . -0.61 -7.09 6.16
S SO4 F . 0.38 -6.70 15.22
O1 SO4 F . -0.71 -7.01 14.30
O2 SO4 F . 1.38 -5.87 14.55
O3 SO4 F . -0.17 -5.93 16.33
O4 SO4 F . 0.91 -7.95 15.76
CL CL G . -0.30 23.04 -15.20
CL CL H . -5.06 4.56 -6.27
#